data_2F8M
#
_entry.id   2F8M
#
_cell.length_a   93.689
_cell.length_b   136.230
_cell.length_c   45.011
_cell.angle_alpha   90.00
_cell.angle_beta   90.00
_cell.angle_gamma   90.00
#
_symmetry.space_group_name_H-M   'P 21 21 2'
#
loop_
_entity.id
_entity.type
_entity.pdbx_description
1 polymer 'ribose 5-phosphate isomerase'
2 non-polymer 'PHOSPHATE ION'
3 water water
#
_entity_poly.entity_id   1
_entity_poly.type   'polypeptide(L)'
_entity_poly.pdbx_seq_one_letter_code
;MAHHHHHHMDSLKKIVAYKAVDEYVQSNMTIGLGTGSTVFYVLERIDNLLKSGKLKDVVCIPTSIDTELKARKLGIPLTT
LEKHSNIDITIDGTDEIDLNLNLIKGRGGALVREKLVASSSSLLIIIGDESKLCTNGLGMTGAVPIEILTFGYEKIIENL
LKIYTLKGCTYKIRKRNGEIFITDNKNYIVDFFFTEPIQDLLETCTRIKMTTGVVDHGIFVNMTNVALISKHDGTVLTLN
KKYE
;
_entity_poly.pdbx_strand_id   A,B
#
loop_
_chem_comp.id
_chem_comp.type
_chem_comp.name
_chem_comp.formula
PO4 non-polymer 'PHOSPHATE ION' 'O4 P -3'
#
# COMPACT_ATOMS: atom_id res chain seq x y z
N HIS A 5 -13.22 23.78 -26.22
CA HIS A 5 -14.57 24.42 -26.05
C HIS A 5 -15.14 24.11 -24.66
N HIS A 6 -15.03 25.06 -23.73
CA HIS A 6 -15.03 24.71 -22.29
C HIS A 6 -16.43 24.42 -21.78
N HIS A 7 -17.36 25.27 -22.17
CA HIS A 7 -18.78 25.03 -21.89
C HIS A 7 -19.27 23.82 -22.59
N HIS A 8 -18.68 23.56 -23.75
CA HIS A 8 -19.04 22.40 -24.53
C HIS A 8 -18.64 21.14 -23.82
N MET A 9 -17.40 21.12 -23.34
CA MET A 9 -16.85 19.97 -22.61
C MET A 9 -17.64 19.72 -21.35
N ASP A 10 -18.03 20.80 -20.69
CA ASP A 10 -18.86 20.73 -19.51
C ASP A 10 -20.18 20.02 -19.86
N SER A 11 -20.86 20.50 -20.89
CA SER A 11 -22.12 19.89 -21.38
C SER A 11 -22.01 18.41 -21.70
N LEU A 12 -20.95 18.04 -22.39
CA LEU A 12 -20.64 16.66 -22.67
C LEU A 12 -20.41 15.81 -21.39
N LYS A 13 -19.71 16.39 -20.42
CA LYS A 13 -19.59 15.75 -19.09
C LYS A 13 -20.93 15.59 -18.44
N LYS A 14 -21.70 16.68 -18.42
CA LYS A 14 -23.03 16.70 -17.85
C LYS A 14 -23.92 15.60 -18.42
N ILE A 15 -23.93 15.49 -19.73
CA ILE A 15 -24.77 14.53 -20.42
C ILE A 15 -24.56 13.09 -19.97
N VAL A 16 -23.31 12.66 -19.84
CA VAL A 16 -23.01 11.25 -19.49
C VAL A 16 -23.31 11.01 -18.04
N ALA A 17 -23.06 12.04 -17.24
CA ALA A 17 -23.30 11.99 -15.82
C ALA A 17 -24.77 11.88 -15.53
N TYR A 18 -25.56 12.79 -16.10
CA TYR A 18 -27.02 12.69 -15.92
C TYR A 18 -27.52 11.34 -16.39
N LYS A 19 -27.01 10.84 -17.50
CA LYS A 19 -27.47 9.57 -18.01
C LYS A 19 -27.20 8.41 -17.04
N ALA A 20 -26.01 8.39 -16.43
CA ALA A 20 -25.70 7.30 -15.53
C ALA A 20 -26.67 7.34 -14.37
N VAL A 21 -26.99 8.52 -13.86
CA VAL A 21 -27.87 8.61 -12.71
C VAL A 21 -29.30 8.20 -13.15
N ASP A 22 -29.80 8.85 -14.19
CA ASP A 22 -31.17 8.63 -14.63
C ASP A 22 -31.47 7.16 -15.01
N GLU A 23 -30.51 6.51 -15.64
CA GLU A 23 -30.76 5.19 -16.15
C GLU A 23 -30.34 4.06 -15.24
N TYR A 24 -29.44 4.27 -14.31
CA TYR A 24 -28.94 3.15 -13.52
C TYR A 24 -29.19 3.31 -12.02
N VAL A 25 -29.26 4.53 -11.51
CA VAL A 25 -29.37 4.70 -10.07
C VAL A 25 -30.83 4.66 -9.66
N GLN A 26 -31.10 3.85 -8.63
CA GLN A 26 -32.45 3.60 -8.16
C GLN A 26 -32.57 3.89 -6.66
N SER A 27 -33.81 4.05 -6.19
CA SER A 27 -34.04 4.30 -4.76
C SER A 27 -33.62 3.10 -3.94
N ASN A 28 -33.28 3.34 -2.68
CA ASN A 28 -32.84 2.29 -1.77
C ASN A 28 -31.56 1.58 -2.24
N MET A 29 -30.70 2.30 -2.95
CA MET A 29 -29.41 1.81 -3.37
C MET A 29 -28.34 2.46 -2.55
N THR A 30 -27.24 1.74 -2.38
CA THR A 30 -25.97 2.35 -1.99
C THR A 30 -25.10 2.58 -3.20
N ILE A 31 -24.54 3.77 -3.29
CA ILE A 31 -23.87 4.26 -4.49
C ILE A 31 -22.44 4.77 -4.16
N GLY A 32 -21.48 4.26 -4.91
CA GLY A 32 -20.12 4.71 -4.78
C GLY A 32 -19.93 5.86 -5.74
N LEU A 33 -19.32 6.93 -5.24
CA LEU A 33 -19.18 8.16 -6.00
C LEU A 33 -17.72 8.37 -6.34
N GLY A 34 -17.43 8.48 -7.63
CA GLY A 34 -16.07 8.73 -8.07
C GLY A 34 -15.58 10.13 -7.78
N THR A 35 -14.63 10.59 -8.57
CA THR A 35 -13.90 11.81 -8.28
C THR A 35 -13.71 12.59 -9.61
N GLY A 36 -13.78 13.91 -9.52
CA GLY A 36 -13.39 14.77 -10.65
C GLY A 36 -14.55 15.53 -11.26
N SER A 37 -14.27 16.13 -12.39
CA SER A 37 -15.07 17.20 -12.93
C SER A 37 -16.29 16.66 -13.65
N THR A 38 -16.13 15.45 -14.23
CA THR A 38 -17.26 14.70 -14.77
C THR A 38 -18.27 14.26 -13.68
N VAL A 39 -17.72 13.72 -12.60
CA VAL A 39 -18.52 13.20 -11.52
C VAL A 39 -19.29 14.26 -10.78
N PHE A 40 -18.77 15.49 -10.83
CA PHE A 40 -19.44 16.65 -10.29
C PHE A 40 -20.96 16.64 -10.59
N TYR A 41 -21.29 16.23 -11.82
CA TYR A 41 -22.65 16.36 -12.36
C TYR A 41 -23.51 15.20 -11.94
N VAL A 42 -22.83 14.11 -11.58
CA VAL A 42 -23.40 13.00 -10.86
C VAL A 42 -23.88 13.42 -9.45
N LEU A 43 -23.06 14.16 -8.73
CA LEU A 43 -23.47 14.69 -7.43
C LEU A 43 -24.63 15.63 -7.61
N GLU A 44 -24.52 16.48 -8.63
CA GLU A 44 -25.57 17.47 -8.91
C GLU A 44 -26.90 16.80 -9.12
N ARG A 45 -26.89 15.76 -9.93
CA ARG A 45 -28.10 15.10 -10.34
C ARG A 45 -28.71 14.28 -9.22
N ILE A 46 -27.89 13.57 -8.49
CA ILE A 46 -28.39 12.77 -7.40
C ILE A 46 -29.05 13.64 -6.35
N ASP A 47 -28.39 14.72 -5.95
CA ASP A 47 -28.98 15.75 -5.06
C ASP A 47 -30.30 16.34 -5.64
N ASN A 48 -30.26 16.76 -6.89
CA ASN A 48 -31.47 17.18 -7.55
C ASN A 48 -32.64 16.17 -7.37
N LEU A 49 -32.42 14.90 -7.71
CA LEU A 49 -33.48 13.91 -7.71
C LEU A 49 -33.92 13.54 -6.32
N LEU A 50 -33.00 13.67 -5.38
CA LEU A 50 -33.27 13.33 -4.00
C LEU A 50 -34.18 14.40 -3.42
N LYS A 51 -33.88 15.66 -3.74
CA LYS A 51 -34.67 16.80 -3.25
C LYS A 51 -36.09 16.80 -3.84
N SER A 52 -36.22 16.36 -5.10
CA SER A 52 -37.49 16.27 -5.75
C SER A 52 -38.33 15.06 -5.33
N GLY A 53 -37.69 14.07 -4.71
CA GLY A 53 -38.38 12.86 -4.30
C GLY A 53 -38.37 11.86 -5.44
N LYS A 54 -37.80 12.19 -6.59
CA LYS A 54 -37.77 11.20 -7.67
C LYS A 54 -36.91 10.03 -7.20
N LEU A 55 -35.94 10.32 -6.34
CA LEU A 55 -35.11 9.31 -5.67
C LEU A 55 -35.28 9.40 -4.16
N LYS A 56 -35.25 8.25 -3.48
CA LYS A 56 -35.25 8.18 -2.02
C LYS A 56 -34.34 7.06 -1.49
N ASP A 57 -33.97 7.16 -0.21
CA ASP A 57 -33.21 6.09 0.45
C ASP A 57 -31.94 5.72 -0.34
N VAL A 58 -31.20 6.74 -0.76
CA VAL A 58 -29.97 6.62 -1.49
C VAL A 58 -28.86 7.13 -0.58
N VAL A 59 -27.91 6.26 -0.27
CA VAL A 59 -26.75 6.66 0.53
C VAL A 59 -25.48 6.43 -0.28
N CYS A 60 -24.48 7.28 -0.09
CA CYS A 60 -23.28 7.21 -0.91
C CYS A 60 -21.97 7.03 -0.15
N ILE A 61 -21.03 6.40 -0.83
CA ILE A 61 -19.69 6.27 -0.33
C ILE A 61 -18.71 7.01 -1.26
N PRO A 62 -17.99 7.99 -0.71
CA PRO A 62 -17.12 8.82 -1.49
C PRO A 62 -15.72 8.17 -1.68
N THR A 63 -15.16 8.37 -2.87
CA THR A 63 -13.84 7.87 -3.24
C THR A 63 -12.69 8.83 -2.97
N SER A 64 -13.01 10.02 -2.48
CA SER A 64 -12.00 10.97 -2.04
C SER A 64 -12.60 11.89 -0.99
N ILE A 65 -11.72 12.65 -0.35
CA ILE A 65 -12.14 13.64 0.62
C ILE A 65 -12.81 14.82 -0.11
N ASP A 66 -12.28 15.18 -1.30
CA ASP A 66 -12.92 16.19 -2.18
C ASP A 66 -14.39 15.83 -2.46
N THR A 67 -14.62 14.58 -2.80
CA THR A 67 -15.94 14.14 -3.15
C THR A 67 -16.83 14.10 -1.92
N GLU A 68 -16.27 13.68 -0.78
CA GLU A 68 -17.04 13.69 0.47
C GLU A 68 -17.53 15.09 0.88
N LEU A 69 -16.64 16.09 0.81
CA LEU A 69 -16.94 17.49 1.13
C LEU A 69 -18.02 18.05 0.21
N LYS A 70 -17.86 17.86 -1.10
CA LYS A 70 -18.84 18.31 -2.09
C LYS A 70 -20.20 17.69 -1.81
N ALA A 71 -20.21 16.43 -1.40
CA ALA A 71 -21.48 15.70 -1.27
C ALA A 71 -22.18 16.13 -0.01
N ARG A 72 -21.37 16.47 0.97
CA ARG A 72 -21.90 16.85 2.24
C ARG A 72 -22.53 18.26 2.21
N LYS A 73 -21.86 19.20 1.52
CA LYS A 73 -22.42 20.51 1.20
C LYS A 73 -23.76 20.39 0.48
N LEU A 74 -23.82 19.57 -0.56
CA LEU A 74 -25.09 19.35 -1.26
C LEU A 74 -26.17 18.76 -0.37
N GLY A 75 -25.78 17.97 0.63
CA GLY A 75 -26.73 17.31 1.52
C GLY A 75 -27.08 15.88 1.10
N ILE A 76 -26.28 15.28 0.22
CA ILE A 76 -26.43 13.87 -0.12
C ILE A 76 -26.03 12.92 1.06
N PRO A 77 -26.94 12.03 1.47
CA PRO A 77 -26.50 11.14 2.59
C PRO A 77 -25.27 10.27 2.26
N LEU A 78 -24.36 10.16 3.22
CA LEU A 78 -23.12 9.44 3.06
C LEU A 78 -23.00 8.39 4.09
N THR A 79 -22.45 7.27 3.71
CA THR A 79 -21.92 6.33 4.66
C THR A 79 -20.46 6.04 4.30
N THR A 80 -20.02 4.89 4.80
CA THR A 80 -18.65 4.53 4.96
C THR A 80 -18.52 3.08 4.59
N LEU A 81 -17.33 2.66 4.18
CA LEU A 81 -17.14 1.28 3.72
C LEU A 81 -16.90 0.28 4.90
N GLU A 82 -17.94 -0.45 5.29
CA GLU A 82 -17.84 -1.41 6.40
C GLU A 82 -18.01 -2.84 5.88
N LYS A 83 -17.93 -3.86 6.76
CA LYS A 83 -18.04 -5.28 6.35
C LYS A 83 -19.42 -5.59 5.70
N HIS A 84 -20.44 -4.90 6.20
CA HIS A 84 -21.80 -5.07 5.73
C HIS A 84 -22.04 -4.36 4.41
N SER A 85 -21.32 -3.26 4.18
CA SER A 85 -21.40 -2.55 2.92
C SER A 85 -21.40 -3.54 1.75
N ASN A 86 -22.39 -3.41 0.86
CA ASN A 86 -22.18 -3.76 -0.54
C ASN A 86 -22.92 -2.70 -1.36
N ILE A 87 -22.10 -2.12 -2.23
CA ILE A 87 -22.46 -1.04 -3.11
C ILE A 87 -23.12 -1.63 -4.31
N ASP A 88 -24.24 -1.09 -4.70
CA ASP A 88 -24.97 -1.54 -5.87
C ASP A 88 -24.29 -1.10 -7.15
N ILE A 89 -23.89 0.16 -7.15
CA ILE A 89 -23.33 0.84 -8.30
C ILE A 89 -22.28 1.85 -7.86
N THR A 90 -21.14 1.83 -8.51
CA THR A 90 -20.21 2.96 -8.47
C THR A 90 -20.16 3.64 -9.82
N ILE A 91 -20.22 4.96 -9.77
CA ILE A 91 -20.05 5.81 -10.95
C ILE A 91 -18.81 6.65 -10.75
N ASP A 92 -17.87 6.50 -11.68
CA ASP A 92 -16.68 7.25 -11.61
C ASP A 92 -16.25 7.69 -13.04
N GLY A 93 -15.26 8.59 -13.11
CA GLY A 93 -14.65 8.96 -14.39
C GLY A 93 -13.35 8.18 -14.63
N THR A 94 -12.64 8.53 -15.68
CA THR A 94 -11.36 7.89 -15.98
C THR A 94 -10.53 8.90 -16.76
N ASP A 95 -9.22 8.71 -16.76
CA ASP A 95 -8.32 9.51 -17.58
C ASP A 95 -8.15 8.86 -18.98
N GLU A 96 -8.10 7.54 -19.06
CA GLU A 96 -8.28 6.85 -20.34
C GLU A 96 -9.10 5.57 -20.19
N ILE A 97 -9.71 5.17 -21.31
CA ILE A 97 -10.43 3.88 -21.44
C ILE A 97 -10.27 3.34 -22.86
N ASP A 98 -10.06 2.04 -23.01
CA ASP A 98 -10.02 1.41 -24.32
C ASP A 98 -11.30 0.65 -24.59
N LEU A 99 -11.38 0.07 -25.78
CA LEU A 99 -12.58 -0.71 -26.18
C LEU A 99 -12.75 -2.02 -25.41
N ASN A 100 -11.70 -2.50 -24.74
CA ASN A 100 -11.86 -3.59 -23.73
C ASN A 100 -12.33 -3.12 -22.36
N LEU A 101 -12.47 -1.82 -22.21
CA LEU A 101 -12.98 -1.17 -21.01
C LEU A 101 -11.97 -1.23 -19.91
N ASN A 102 -10.71 -1.23 -20.30
CA ASN A 102 -9.64 -1.18 -19.33
C ASN A 102 -9.35 0.28 -19.20
N LEU A 103 -8.98 0.70 -17.98
CA LEU A 103 -8.86 2.12 -17.62
C LEU A 103 -7.49 2.52 -17.12
N ILE A 104 -7.10 3.76 -17.47
CA ILE A 104 -6.10 4.51 -16.72
C ILE A 104 -6.76 5.63 -15.93
N LYS A 105 -6.49 5.63 -14.61
CA LYS A 105 -7.10 6.53 -13.67
C LYS A 105 -6.08 7.13 -12.72
N GLY A 106 -6.48 8.18 -12.01
CA GLY A 106 -5.73 8.66 -10.83
C GLY A 106 -5.06 10.01 -10.95
N ARG A 107 -5.19 10.65 -12.10
CA ARG A 107 -4.63 11.96 -12.31
C ARG A 107 -5.16 13.06 -11.36
N GLY A 108 -6.32 12.84 -10.74
CA GLY A 108 -6.83 13.76 -9.73
C GLY A 108 -6.41 13.32 -8.34
N GLY A 109 -5.65 12.21 -8.28
CA GLY A 109 -5.01 11.76 -7.03
C GLY A 109 -5.78 10.76 -6.20
N ALA A 110 -6.92 10.26 -6.71
CA ALA A 110 -7.82 9.41 -5.90
C ALA A 110 -7.86 7.95 -6.24
N LEU A 111 -6.92 7.48 -7.04
CA LEU A 111 -6.91 6.08 -7.53
C LEU A 111 -7.08 4.97 -6.50
N VAL A 112 -6.50 5.10 -5.31
CA VAL A 112 -6.51 3.93 -4.40
C VAL A 112 -7.95 3.65 -3.86
N ARG A 113 -8.60 4.68 -3.33
CA ARG A 113 -9.95 4.57 -2.80
C ARG A 113 -10.94 4.37 -3.96
N GLU A 114 -10.66 4.93 -5.13
CA GLU A 114 -11.47 4.55 -6.32
C GLU A 114 -11.45 3.06 -6.62
N LYS A 115 -10.28 2.41 -6.57
CA LYS A 115 -10.23 0.96 -6.86
C LYS A 115 -10.93 0.15 -5.78
N LEU A 116 -10.74 0.54 -4.53
CA LEU A 116 -11.34 -0.20 -3.43
C LEU A 116 -12.84 -0.16 -3.44
N VAL A 117 -13.39 1.03 -3.63
CA VAL A 117 -14.82 1.21 -3.75
C VAL A 117 -15.34 0.53 -5.01
N ALA A 118 -14.65 0.65 -6.12
CA ALA A 118 -15.16 0.03 -7.36
C ALA A 118 -15.14 -1.49 -7.28
N SER A 119 -14.11 -2.05 -6.68
CA SER A 119 -14.07 -3.48 -6.56
C SER A 119 -15.10 -3.94 -5.55
N SER A 120 -15.59 -3.04 -4.70
CA SER A 120 -16.57 -3.39 -3.67
C SER A 120 -18.03 -3.27 -4.15
N SER A 121 -18.23 -2.94 -5.42
CA SER A 121 -19.56 -2.64 -5.99
C SER A 121 -20.02 -3.73 -6.93
N SER A 122 -21.34 -3.92 -7.06
CA SER A 122 -21.87 -4.90 -8.00
C SER A 122 -21.67 -4.41 -9.43
N LEU A 123 -21.64 -3.10 -9.60
CA LEU A 123 -21.58 -2.50 -10.90
C LEU A 123 -20.66 -1.26 -10.89
N LEU A 124 -19.73 -1.25 -11.82
CA LEU A 124 -18.93 -0.08 -12.07
C LEU A 124 -19.29 0.53 -13.39
N ILE A 125 -19.80 1.74 -13.32
CA ILE A 125 -20.06 2.56 -14.48
C ILE A 125 -19.03 3.65 -14.57
N ILE A 126 -18.35 3.66 -15.71
CA ILE A 126 -17.33 4.66 -16.00
C ILE A 126 -17.93 5.57 -17.02
N ILE A 127 -17.80 6.86 -16.72
CA ILE A 127 -18.37 7.94 -17.51
C ILE A 127 -17.25 8.88 -18.01
N GLY A 128 -17.40 9.32 -19.25
CA GLY A 128 -16.45 10.20 -19.86
C GLY A 128 -16.93 10.86 -21.16
N ASP A 129 -16.26 11.94 -21.50
CA ASP A 129 -16.44 12.57 -22.80
C ASP A 129 -15.53 11.81 -23.77
N GLU A 130 -15.74 11.99 -25.08
CA GLU A 130 -15.06 11.13 -26.04
C GLU A 130 -13.52 11.27 -26.07
N SER A 131 -12.95 12.31 -25.45
CA SER A 131 -11.50 12.36 -25.40
C SER A 131 -10.88 11.30 -24.46
N LYS A 132 -11.66 10.71 -23.57
CA LYS A 132 -11.12 9.66 -22.72
C LYS A 132 -10.94 8.30 -23.47
N LEU A 133 -11.61 8.16 -24.63
CA LEU A 133 -11.63 6.88 -25.35
C LEU A 133 -10.41 6.74 -26.23
N CYS A 134 -9.57 5.75 -25.87
CA CYS A 134 -8.25 5.48 -26.49
C CYS A 134 -8.23 4.15 -27.19
N THR A 135 -8.33 4.16 -28.52
CA THR A 135 -8.54 2.92 -29.31
C THR A 135 -7.25 2.35 -29.95
N ASN A 136 -6.16 3.10 -29.83
CA ASN A 136 -4.84 2.66 -30.27
C ASN A 136 -3.84 2.44 -29.13
N GLY A 137 -4.25 1.74 -28.06
CA GLY A 137 -3.35 1.42 -26.95
C GLY A 137 -3.35 2.37 -25.73
N LEU A 138 -3.43 1.76 -24.53
CA LEU A 138 -3.48 2.46 -23.27
C LEU A 138 -2.13 2.95 -22.83
N GLY A 139 -2.11 4.14 -22.24
CA GLY A 139 -0.96 4.62 -21.48
C GLY A 139 -0.21 5.75 -22.13
N MET A 140 -0.69 6.23 -23.27
CA MET A 140 0.09 7.21 -24.00
C MET A 140 -0.37 8.68 -23.87
N THR A 141 -1.53 8.94 -23.30
CA THR A 141 -2.00 10.33 -23.26
C THR A 141 -1.47 11.12 -22.06
N GLY A 142 -0.80 10.46 -21.13
CA GLY A 142 -0.39 11.16 -19.92
C GLY A 142 0.03 10.22 -18.80
N ALA A 143 -0.17 10.67 -17.58
CA ALA A 143 0.41 10.02 -16.43
C ALA A 143 -0.29 8.71 -16.19
N VAL A 144 0.51 7.70 -15.86
CA VAL A 144 0.02 6.44 -15.30
C VAL A 144 0.45 6.49 -13.84
N PRO A 145 -0.50 6.78 -12.92
CA PRO A 145 -0.07 7.03 -11.53
C PRO A 145 0.15 5.78 -10.70
N ILE A 146 1.05 5.88 -9.73
CA ILE A 146 1.33 4.80 -8.81
C ILE A 146 1.52 5.45 -7.44
N GLU A 147 0.73 4.99 -6.47
CA GLU A 147 0.76 5.52 -5.12
C GLU A 147 1.78 4.73 -4.32
N ILE A 148 2.71 5.46 -3.72
CA ILE A 148 3.88 4.87 -3.03
C ILE A 148 4.05 5.56 -1.75
N LEU A 149 4.75 4.90 -0.82
CA LEU A 149 5.04 5.50 0.45
C LEU A 149 5.97 6.70 0.32
N THR A 150 5.78 7.64 1.23
CA THR A 150 6.71 8.76 1.37
C THR A 150 8.06 8.28 1.87
N PHE A 151 8.07 7.33 2.79
CA PHE A 151 9.32 6.84 3.28
C PHE A 151 9.99 6.01 2.20
N GLY A 152 11.20 6.46 1.81
CA GLY A 152 12.02 5.81 0.78
C GLY A 152 11.51 5.80 -0.65
N TYR A 153 10.74 6.81 -1.03
CA TYR A 153 10.03 6.85 -2.31
C TYR A 153 10.93 6.80 -3.53
N GLU A 154 12.12 7.35 -3.46
CA GLU A 154 13.03 7.30 -4.59
C GLU A 154 13.57 5.93 -4.80
N LYS A 155 13.75 5.17 -3.74
CA LYS A 155 14.20 3.81 -3.84
C LYS A 155 13.08 2.96 -4.46
N ILE A 156 11.86 3.23 -4.05
CA ILE A 156 10.69 2.54 -4.58
C ILE A 156 10.60 2.81 -6.07
N ILE A 157 10.77 4.07 -6.47
CA ILE A 157 10.75 4.38 -7.91
C ILE A 157 11.84 3.62 -8.72
N GLU A 158 13.08 3.61 -8.20
CA GLU A 158 14.19 2.81 -8.81
C GLU A 158 13.82 1.34 -8.95
N ASN A 159 13.14 0.81 -7.94
CA ASN A 159 12.70 -0.56 -8.02
C ASN A 159 11.62 -0.73 -9.07
N LEU A 160 10.68 0.22 -9.18
CA LEU A 160 9.66 0.13 -10.24
C LEU A 160 10.28 0.12 -11.63
N LEU A 161 11.36 0.85 -11.79
CA LEU A 161 11.97 0.96 -13.10
C LEU A 161 12.67 -0.30 -13.57
N LYS A 162 12.86 -1.26 -12.67
CA LYS A 162 13.34 -2.60 -13.03
C LYS A 162 12.31 -3.44 -13.77
N ILE A 163 11.03 -3.19 -13.50
CA ILE A 163 9.97 -3.96 -14.13
C ILE A 163 10.16 -3.80 -15.63
N TYR A 164 10.23 -4.93 -16.31
CA TYR A 164 10.73 -4.89 -17.68
C TYR A 164 9.85 -3.99 -18.55
N THR A 165 8.56 -3.93 -18.28
CA THR A 165 7.67 -3.14 -19.09
C THR A 165 7.71 -1.65 -18.78
N LEU A 166 8.38 -1.27 -17.68
CA LEU A 166 8.49 0.15 -17.26
C LEU A 166 9.93 0.67 -17.40
N LYS A 167 10.86 -0.21 -17.75
CA LYS A 167 12.27 0.18 -17.76
C LYS A 167 12.53 1.36 -18.71
N GLY A 168 11.74 1.47 -19.79
CA GLY A 168 11.83 2.61 -20.74
C GLY A 168 11.14 3.94 -20.39
N CYS A 169 10.47 4.00 -19.25
CA CYS A 169 9.57 5.13 -18.94
C CYS A 169 10.33 6.35 -18.48
N THR A 170 9.66 7.49 -18.56
CA THR A 170 10.10 8.66 -17.82
C THR A 170 9.19 8.71 -16.62
N TYR A 171 9.50 9.51 -15.63
CA TYR A 171 8.57 9.67 -14.56
C TYR A 171 8.82 10.94 -13.79
N LYS A 172 7.80 11.40 -13.08
CA LYS A 172 7.89 12.56 -12.24
C LYS A 172 7.09 12.30 -11.02
N ILE A 173 7.67 12.54 -9.84
CA ILE A 173 6.85 12.58 -8.63
C ILE A 173 5.78 13.64 -8.82
N ARG A 174 4.56 13.38 -8.36
CA ARG A 174 3.51 14.37 -8.53
C ARG A 174 3.64 15.57 -7.58
N LYS A 175 3.52 16.75 -8.16
CA LYS A 175 3.63 18.02 -7.42
C LYS A 175 2.39 18.88 -7.60
N ARG A 176 2.00 19.57 -6.52
CA ARG A 176 0.99 20.61 -6.56
C ARG A 176 1.55 21.83 -5.88
N ASN A 177 1.55 22.94 -6.62
CA ASN A 177 2.08 24.21 -6.14
C ASN A 177 3.52 24.06 -5.65
N GLY A 178 4.34 23.31 -6.39
CA GLY A 178 5.75 23.13 -6.06
C GLY A 178 6.00 22.36 -4.77
N GLU A 179 4.95 21.72 -4.27
CA GLU A 179 5.07 20.79 -3.18
C GLU A 179 4.70 19.44 -3.74
N ILE A 180 5.40 18.43 -3.27
CA ILE A 180 5.02 17.05 -3.54
C ILE A 180 3.58 16.89 -3.06
N PHE A 181 2.74 16.34 -3.93
CA PHE A 181 1.34 16.09 -3.62
C PHE A 181 1.20 14.95 -2.60
N ILE A 182 0.40 15.20 -1.57
CA ILE A 182 0.04 14.17 -0.60
C ILE A 182 -1.40 13.64 -0.78
N THR A 183 -1.56 12.31 -0.81
CA THR A 183 -2.88 11.77 -1.06
C THR A 183 -3.73 11.83 0.20
N ASP A 184 -5.01 11.47 0.03
CA ASP A 184 -5.90 11.24 1.14
C ASP A 184 -5.37 10.21 2.13
N ASN A 185 -4.67 9.21 1.59
CA ASN A 185 -4.12 8.10 2.38
C ASN A 185 -2.72 8.39 2.89
N LYS A 186 -2.28 9.62 2.60
CA LYS A 186 -1.04 10.22 3.12
C LYS A 186 0.18 9.65 2.43
N ASN A 187 0.00 9.28 1.17
CA ASN A 187 1.11 8.79 0.37
C ASN A 187 1.48 9.83 -0.67
N TYR A 188 2.48 9.46 -1.46
CA TYR A 188 2.87 10.19 -2.61
C TYR A 188 2.39 9.42 -3.86
N ILE A 189 2.47 10.07 -5.02
CA ILE A 189 2.19 9.45 -6.32
C ILE A 189 3.33 9.72 -7.27
N VAL A 190 3.80 8.67 -7.94
CA VAL A 190 4.72 8.86 -9.07
C VAL A 190 4.00 8.58 -10.34
N ASP A 191 4.20 9.49 -11.29
CA ASP A 191 3.59 9.40 -12.62
C ASP A 191 4.62 8.80 -13.55
N PHE A 192 4.28 7.67 -14.12
CA PHE A 192 5.06 7.07 -15.17
C PHE A 192 4.46 7.43 -16.51
N PHE A 193 5.37 7.71 -17.44
CA PHE A 193 5.06 8.12 -18.77
C PHE A 193 5.61 7.13 -19.81
N PHE A 194 4.75 6.88 -20.80
CA PHE A 194 4.91 5.90 -21.84
C PHE A 194 4.83 6.58 -23.23
N THR A 195 5.80 6.30 -24.10
CA THR A 195 5.68 6.77 -25.48
C THR A 195 4.98 5.75 -26.38
N GLU A 196 4.99 4.48 -25.96
CA GLU A 196 4.26 3.43 -26.67
C GLU A 196 3.30 2.77 -25.69
N PRO A 197 2.26 2.05 -26.20
CA PRO A 197 1.27 1.55 -25.25
C PRO A 197 1.88 0.61 -24.23
N ILE A 198 1.24 0.51 -23.09
CA ILE A 198 1.78 -0.29 -22.01
C ILE A 198 1.75 -1.75 -22.42
N GLN A 199 2.89 -2.44 -22.28
CA GLN A 199 2.96 -3.84 -22.69
C GLN A 199 2.58 -4.80 -21.54
N ASP A 200 2.09 -5.96 -21.96
CA ASP A 200 1.66 -7.04 -21.07
C ASP A 200 0.92 -6.45 -19.90
N LEU A 201 -0.22 -5.84 -20.18
CA LEU A 201 -0.89 -4.96 -19.25
C LEU A 201 -1.17 -5.57 -17.86
N LEU A 202 -1.68 -6.80 -17.86
CA LEU A 202 -2.03 -7.46 -16.62
C LEU A 202 -0.80 -7.89 -15.79
N GLU A 203 0.26 -8.28 -16.50
CA GLU A 203 1.52 -8.61 -15.84
C GLU A 203 2.15 -7.39 -15.19
N THR A 204 2.09 -6.27 -15.89
CA THR A 204 2.55 -4.97 -15.36
C THR A 204 1.84 -4.61 -14.06
N CYS A 205 0.51 -4.71 -14.04
CA CYS A 205 -0.32 -4.38 -12.84
C CYS A 205 0.13 -5.22 -11.67
N THR A 206 0.28 -6.49 -11.94
CA THR A 206 0.70 -7.48 -10.96
C THR A 206 2.09 -7.15 -10.46
N ARG A 207 3.05 -6.86 -11.33
CA ARG A 207 4.42 -6.53 -10.86
C ARG A 207 4.53 -5.19 -10.11
N ILE A 208 3.68 -4.24 -10.48
CA ILE A 208 3.64 -2.99 -9.77
C ILE A 208 3.09 -3.21 -8.36
N LYS A 209 1.98 -3.94 -8.30
CA LYS A 209 1.29 -4.14 -7.06
C LYS A 209 2.08 -4.96 -6.10
N MET A 210 2.87 -5.91 -6.62
CA MET A 210 3.75 -6.76 -5.80
C MET A 210 4.95 -6.01 -5.26
N THR A 211 5.18 -4.80 -5.75
CA THR A 211 6.36 -4.01 -5.30
C THR A 211 6.28 -3.50 -3.85
N THR A 212 7.34 -3.72 -3.08
CA THR A 212 7.40 -3.17 -1.74
C THR A 212 7.41 -1.66 -1.80
N GLY A 213 6.51 -1.05 -1.07
CA GLY A 213 6.41 0.39 -1.11
C GLY A 213 5.25 0.88 -1.95
N VAL A 214 4.73 0.05 -2.85
CA VAL A 214 3.58 0.42 -3.70
C VAL A 214 2.30 0.15 -2.90
N VAL A 215 1.42 1.16 -2.85
CA VAL A 215 0.11 0.99 -2.27
C VAL A 215 -0.84 0.42 -3.37
N ASP A 216 -0.99 1.17 -4.46
CA ASP A 216 -1.68 0.68 -5.66
C ASP A 216 -1.32 1.58 -6.83
N HIS A 217 -1.86 1.25 -7.99
CA HIS A 217 -1.61 1.98 -9.21
C HIS A 217 -2.93 2.30 -9.90
N GLY A 218 -2.85 3.20 -10.87
CA GLY A 218 -4.00 3.69 -11.59
C GLY A 218 -4.53 2.88 -12.77
N ILE A 219 -4.05 1.65 -12.96
CA ILE A 219 -4.53 0.78 -14.04
C ILE A 219 -5.64 -0.14 -13.51
N PHE A 220 -6.86 0.03 -14.03
CA PHE A 220 -7.98 -0.80 -13.66
C PHE A 220 -8.29 -1.81 -14.80
N VAL A 221 -8.01 -3.09 -14.55
CA VAL A 221 -8.17 -4.14 -15.56
C VAL A 221 -9.33 -5.09 -15.17
N ASN A 222 -10.19 -5.39 -16.14
CA ASN A 222 -11.37 -6.25 -15.93
C ASN A 222 -12.26 -5.85 -14.76
N MET A 223 -12.35 -4.55 -14.48
CA MET A 223 -13.25 -4.03 -13.45
C MET A 223 -14.49 -3.25 -14.02
N THR A 224 -14.39 -2.72 -15.22
CA THR A 224 -15.49 -1.92 -15.78
C THR A 224 -16.62 -2.77 -16.41
N ASN A 225 -17.84 -2.58 -15.91
CA ASN A 225 -19.04 -3.25 -16.39
C ASN A 225 -19.70 -2.46 -17.51
N VAL A 226 -19.83 -1.17 -17.33
CA VAL A 226 -20.45 -0.27 -18.32
C VAL A 226 -19.63 0.99 -18.54
N ALA A 227 -19.52 1.47 -19.78
CA ALA A 227 -19.01 2.84 -20.03
C ALA A 227 -19.97 3.64 -20.89
N LEU A 228 -20.19 4.88 -20.46
CA LEU A 228 -20.91 5.85 -21.25
C LEU A 228 -19.95 6.93 -21.67
N ILE A 229 -19.78 7.02 -22.98
CA ILE A 229 -18.94 8.02 -23.61
C ILE A 229 -19.79 9.06 -24.39
N SER A 230 -19.69 10.31 -24.02
CA SER A 230 -20.41 11.34 -24.77
C SER A 230 -19.56 11.92 -25.92
N LYS A 231 -20.13 11.88 -27.13
CA LYS A 231 -19.44 12.30 -28.33
C LYS A 231 -19.85 13.72 -28.67
N HIS A 232 -19.07 14.39 -29.49
CA HIS A 232 -19.29 15.81 -29.78
C HIS A 232 -20.63 16.07 -30.47
N ASP A 233 -20.94 15.18 -31.42
CA ASP A 233 -22.16 15.22 -32.20
C ASP A 233 -23.49 14.99 -31.46
N GLY A 234 -23.48 14.95 -30.12
CA GLY A 234 -24.72 14.73 -29.35
C GLY A 234 -24.91 13.31 -28.81
N THR A 235 -24.46 12.31 -29.57
CA THR A 235 -24.56 10.91 -29.17
C THR A 235 -23.90 10.54 -27.79
N VAL A 236 -24.44 9.51 -27.15
CA VAL A 236 -23.73 8.82 -26.06
C VAL A 236 -23.57 7.34 -26.40
N LEU A 237 -22.32 6.89 -26.53
CA LEU A 237 -21.98 5.48 -26.72
C LEU A 237 -22.08 4.74 -25.39
N THR A 238 -22.88 3.69 -25.34
CA THR A 238 -22.89 2.76 -24.20
C THR A 238 -22.05 1.51 -24.49
N LEU A 239 -21.04 1.23 -23.68
CA LEU A 239 -20.26 0.00 -23.83
C LEU A 239 -20.44 -0.93 -22.63
N ASN A 240 -20.65 -2.22 -22.89
CA ASN A 240 -20.82 -3.22 -21.82
C ASN A 240 -19.74 -4.30 -21.82
N LYS A 241 -19.38 -4.81 -20.65
CA LYS A 241 -18.52 -5.98 -20.56
C LYS A 241 -19.14 -7.01 -21.53
N MET B 9 14.94 -12.00 30.06
CA MET B 9 15.34 -11.96 28.60
C MET B 9 16.32 -10.82 28.22
N ASP B 10 16.36 -9.75 29.01
CA ASP B 10 17.11 -8.53 28.62
C ASP B 10 18.64 -8.73 28.44
N SER B 11 19.26 -9.52 29.30
CA SER B 11 20.69 -9.72 29.16
C SER B 11 20.93 -10.67 27.97
N LEU B 12 19.98 -11.57 27.71
CA LEU B 12 20.00 -12.34 26.47
C LEU B 12 19.87 -11.46 25.20
N LYS B 13 19.06 -10.42 25.28
CA LYS B 13 18.94 -9.42 24.18
C LYS B 13 20.24 -8.64 24.01
N LYS B 14 20.87 -8.31 25.14
CA LYS B 14 22.10 -7.53 25.15
C LYS B 14 23.21 -8.29 24.43
N ILE B 15 23.33 -9.57 24.75
CA ILE B 15 24.39 -10.37 24.24
C ILE B 15 24.27 -10.55 22.72
N VAL B 16 23.06 -10.85 22.19
CA VAL B 16 22.98 -11.02 20.72
C VAL B 16 23.14 -9.69 19.98
N ALA B 17 22.74 -8.61 20.63
CA ALA B 17 22.79 -7.31 20.05
C ALA B 17 24.27 -6.91 19.95
N TYR B 18 25.01 -7.09 21.04
CA TYR B 18 26.45 -6.78 21.02
C TYR B 18 27.15 -7.70 20.08
N LYS B 19 26.90 -9.01 20.15
CA LYS B 19 27.57 -9.90 19.18
C LYS B 19 27.36 -9.42 17.73
N ALA B 20 26.14 -9.03 17.40
CA ALA B 20 25.78 -8.71 16.02
C ALA B 20 26.59 -7.52 15.49
N VAL B 21 26.64 -6.47 16.31
CA VAL B 21 27.37 -5.28 15.99
C VAL B 21 28.90 -5.58 15.89
N ASP B 22 29.45 -6.13 16.99
CA ASP B 22 30.86 -6.44 17.01
C ASP B 22 31.30 -7.34 15.84
N GLU B 23 30.50 -8.28 15.38
CA GLU B 23 31.02 -9.28 14.42
C GLU B 23 30.73 -9.01 12.93
N TYR B 24 29.77 -8.14 12.64
CA TYR B 24 29.41 -7.85 11.22
C TYR B 24 29.51 -6.37 10.83
N VAL B 25 29.33 -5.49 11.81
CA VAL B 25 29.29 -4.05 11.60
C VAL B 25 30.70 -3.50 11.45
N GLN B 26 31.00 -3.00 10.24
CA GLN B 26 32.30 -2.42 9.95
C GLN B 26 32.21 -0.92 9.67
N SER B 27 33.35 -0.26 9.79
CA SER B 27 33.50 1.12 9.36
C SER B 27 33.15 1.24 7.87
N ASN B 28 32.69 2.43 7.51
CA ASN B 28 32.35 2.76 6.09
C ASN B 28 31.06 2.12 5.63
N MET B 29 30.31 1.52 6.57
CA MET B 29 29.04 0.87 6.19
C MET B 29 27.85 1.81 6.29
N THR B 30 26.92 1.60 5.38
CA THR B 30 25.54 2.06 5.57
C THR B 30 24.78 0.95 6.29
N ILE B 31 24.21 1.29 7.46
CA ILE B 31 23.51 0.29 8.35
C ILE B 31 22.00 0.47 8.54
N GLY B 32 21.22 -0.51 8.12
CA GLY B 32 19.79 -0.54 8.45
C GLY B 32 19.55 -0.86 9.92
N LEU B 33 18.89 0.05 10.61
CA LEU B 33 18.52 -0.09 12.01
C LEU B 33 17.09 -0.56 12.19
N GLY B 34 16.92 -1.73 12.76
CA GLY B 34 15.57 -2.22 13.17
C GLY B 34 14.84 -1.48 14.27
N THR B 35 13.86 -2.16 14.83
CA THR B 35 12.96 -1.55 15.76
C THR B 35 12.76 -2.51 16.94
N GLY B 36 12.57 -1.99 18.14
CA GLY B 36 12.15 -2.85 19.22
C GLY B 36 13.18 -3.02 20.33
N SER B 37 12.93 -3.98 21.20
CA SER B 37 13.61 -3.98 22.51
C SER B 37 14.96 -4.71 22.42
N THR B 38 15.10 -5.63 21.51
CA THR B 38 16.39 -6.22 21.29
C THR B 38 17.31 -5.21 20.55
N VAL B 39 16.73 -4.48 19.59
CA VAL B 39 17.51 -3.59 18.69
C VAL B 39 17.97 -2.35 19.46
N PHE B 40 17.33 -2.09 20.60
CA PHE B 40 17.75 -1.03 21.52
C PHE B 40 19.24 -1.16 21.91
N TYR B 41 19.73 -2.38 22.05
CA TYR B 41 21.14 -2.61 22.37
C TYR B 41 22.09 -2.58 21.17
N VAL B 42 21.57 -2.82 19.96
CA VAL B 42 22.33 -2.53 18.73
C VAL B 42 22.67 -1.05 18.68
N LEU B 43 21.67 -0.24 19.02
CA LEU B 43 21.81 1.18 19.02
C LEU B 43 22.91 1.55 20.01
N GLU B 44 22.63 1.21 21.28
CA GLU B 44 23.52 1.36 22.39
C GLU B 44 24.94 1.04 21.98
N ARG B 45 25.13 -0.13 21.38
CA ARG B 45 26.45 -0.60 21.03
C ARG B 45 27.08 0.14 19.86
N ILE B 46 26.29 0.59 18.89
CA ILE B 46 26.85 1.32 17.77
C ILE B 46 27.30 2.71 18.26
N ASP B 47 26.52 3.29 19.16
CA ASP B 47 26.90 4.51 19.77
C ASP B 47 28.29 4.32 20.35
N ASN B 48 28.43 3.35 21.26
CA ASN B 48 29.68 3.09 21.97
C ASN B 48 30.89 3.12 21.05
N LEU B 49 30.81 2.42 19.92
CA LEU B 49 31.94 2.18 19.01
C LEU B 49 32.33 3.38 18.08
N LEU B 50 31.33 4.14 17.66
CA LEU B 50 31.59 5.38 16.95
C LEU B 50 32.28 6.36 17.89
N LYS B 51 31.76 6.41 19.11
CA LYS B 51 32.23 7.32 20.14
C LYS B 51 33.64 6.92 20.59
N SER B 52 33.89 5.63 20.71
CA SER B 52 35.22 5.16 21.10
C SER B 52 36.23 5.42 20.00
N GLY B 53 35.77 5.35 18.75
CA GLY B 53 36.65 5.38 17.60
C GLY B 53 36.84 4.00 17.00
N LYS B 54 36.40 2.95 17.73
CA LYS B 54 36.50 1.56 17.26
C LYS B 54 35.78 1.39 15.90
N LEU B 55 34.68 2.14 15.74
CA LEU B 55 33.96 2.21 14.47
C LEU B 55 34.01 3.61 13.91
N LYS B 56 34.10 3.73 12.60
CA LYS B 56 33.81 5.02 12.03
C LYS B 56 33.26 4.99 10.58
N ASP B 57 32.72 6.16 10.22
CA ASP B 57 32.17 6.45 8.89
C ASP B 57 31.08 5.45 8.55
N VAL B 58 30.30 5.14 9.60
CA VAL B 58 29.14 4.30 9.48
C VAL B 58 27.93 5.22 9.56
N VAL B 59 27.03 5.07 8.60
CA VAL B 59 25.78 5.83 8.64
C VAL B 59 24.57 4.87 8.63
N CYS B 60 23.49 5.31 9.25
CA CYS B 60 22.31 4.48 9.52
C CYS B 60 20.98 4.96 8.90
N ILE B 61 20.12 3.99 8.60
CA ILE B 61 18.76 4.26 8.16
C ILE B 61 17.77 3.57 9.10
N PRO B 62 16.87 4.32 9.73
CA PRO B 62 15.94 3.76 10.70
C PRO B 62 14.68 3.20 10.06
N THR B 63 14.22 2.06 10.58
CA THR B 63 12.98 1.42 10.12
C THR B 63 11.71 1.85 10.87
N SER B 64 11.86 2.75 11.83
CA SER B 64 10.72 3.41 12.43
C SER B 64 11.06 4.79 12.93
N ILE B 65 10.02 5.57 13.13
CA ILE B 65 10.19 6.86 13.74
C ILE B 65 10.77 6.66 15.16
N ASP B 66 10.28 5.65 15.87
CA ASP B 66 10.82 5.28 17.20
C ASP B 66 12.35 5.05 17.22
N THR B 67 12.82 4.18 16.33
CA THR B 67 14.26 4.00 16.13
C THR B 67 15.02 5.27 15.69
N GLU B 68 14.38 6.10 14.86
CA GLU B 68 15.00 7.35 14.40
C GLU B 68 15.31 8.26 15.59
N LEU B 69 14.34 8.39 16.50
CA LEU B 69 14.47 9.35 17.58
C LEU B 69 15.53 8.89 18.53
N LYS B 70 15.42 7.65 18.97
CA LYS B 70 16.43 7.10 19.85
C LYS B 70 17.83 7.25 19.23
N ALA B 71 17.99 6.95 17.95
CA ALA B 71 19.32 7.01 17.34
C ALA B 71 19.81 8.46 17.17
N ARG B 72 18.84 9.36 16.90
CA ARG B 72 19.11 10.75 16.64
C ARG B 72 19.59 11.31 17.93
N LYS B 73 18.98 10.82 19.00
CA LYS B 73 19.36 11.24 20.33
C LYS B 73 20.73 10.68 20.78
N LEU B 74 21.11 9.51 20.29
CA LEU B 74 22.44 8.98 20.62
C LEU B 74 23.59 9.67 19.88
N GLY B 75 23.30 10.30 18.74
CA GLY B 75 24.34 10.88 17.92
C GLY B 75 24.74 9.94 16.80
N ILE B 76 23.86 8.98 16.49
CA ILE B 76 24.13 8.14 15.33
C ILE B 76 23.79 8.91 14.04
N PRO B 77 24.76 8.99 13.09
CA PRO B 77 24.51 9.57 11.79
C PRO B 77 23.47 8.79 11.02
N LEU B 78 22.48 9.53 10.52
CA LEU B 78 21.27 8.99 9.89
C LEU B 78 21.15 9.49 8.46
N THR B 79 20.61 8.65 7.59
CA THR B 79 20.39 9.06 6.23
C THR B 79 19.13 8.39 5.80
N THR B 80 18.67 8.71 4.59
CA THR B 80 17.44 8.21 4.10
C THR B 80 17.72 7.27 2.94
N LEU B 81 16.71 6.46 2.67
CA LEU B 81 16.75 5.49 1.61
C LEU B 81 16.48 6.21 0.26
N GLU B 82 17.57 6.47 -0.48
CA GLU B 82 17.60 7.27 -1.72
C GLU B 82 17.71 6.36 -2.97
N LYS B 83 17.62 6.95 -4.17
CA LYS B 83 17.49 6.18 -5.45
C LYS B 83 18.35 4.90 -5.54
N HIS B 84 19.67 5.03 -5.49
CA HIS B 84 20.51 3.82 -5.41
C HIS B 84 21.34 3.80 -4.12
N SER B 85 20.65 3.84 -2.99
CA SER B 85 21.22 3.34 -1.75
C SER B 85 21.41 1.82 -1.85
N ASN B 86 22.57 1.35 -1.39
CA ASN B 86 22.69 -0.04 -0.96
C ASN B 86 22.98 -0.08 0.54
N ILE B 87 22.17 -0.79 1.28
CA ILE B 87 22.49 -0.97 2.71
C ILE B 87 23.39 -2.20 2.84
N ASP B 88 24.51 -2.00 3.53
CA ASP B 88 25.49 -3.07 3.63
C ASP B 88 24.90 -4.13 4.51
N ILE B 89 24.26 -3.65 5.56
CA ILE B 89 23.75 -4.55 6.59
C ILE B 89 22.61 -3.92 7.36
N THR B 90 21.48 -4.62 7.37
CA THR B 90 20.41 -4.32 8.31
C THR B 90 20.43 -5.33 9.48
N ILE B 91 20.34 -4.79 10.67
CA ILE B 91 20.09 -5.57 11.86
C ILE B 91 18.71 -5.32 12.50
N ASP B 92 17.95 -6.39 12.61
CA ASP B 92 16.62 -6.31 13.17
C ASP B 92 16.32 -7.52 14.04
N GLY B 93 15.32 -7.35 14.89
CA GLY B 93 14.71 -8.46 15.61
C GLY B 93 13.61 -9.08 14.78
N THR B 94 12.89 -10.01 15.40
CA THR B 94 11.83 -10.74 14.74
C THR B 94 10.93 -11.23 15.84
N ASP B 95 9.71 -11.56 15.45
CA ASP B 95 8.72 -12.14 16.34
C ASP B 95 8.77 -13.65 16.25
N GLU B 96 8.93 -14.21 15.03
CA GLU B 96 9.26 -15.62 14.82
C GLU B 96 10.27 -15.78 13.71
N ILE B 97 11.12 -16.80 13.84
CA ILE B 97 11.99 -17.22 12.74
C ILE B 97 12.02 -18.72 12.70
N ASP B 98 12.01 -19.29 11.51
CA ASP B 98 12.13 -20.73 11.34
C ASP B 98 13.47 -21.10 10.75
N LEU B 99 13.65 -22.36 10.38
CA LEU B 99 14.96 -22.83 9.93
C LEU B 99 15.21 -22.64 8.47
N ASN B 100 14.19 -22.19 7.75
CA ASN B 100 14.42 -21.58 6.43
C ASN B 100 14.84 -20.15 6.58
N LEU B 101 14.87 -19.67 7.83
CA LEU B 101 15.11 -18.28 8.22
C LEU B 101 14.04 -17.37 7.66
N ASN B 102 12.81 -17.89 7.51
CA ASN B 102 11.65 -17.06 7.22
C ASN B 102 11.12 -16.48 8.54
N LEU B 103 10.56 -15.27 8.49
CA LEU B 103 10.18 -14.50 9.67
C LEU B 103 8.72 -14.07 9.73
N ILE B 104 8.27 -13.78 10.96
CA ILE B 104 7.07 -13.03 11.21
C ILE B 104 7.57 -11.89 12.01
N LYS B 105 7.32 -10.69 11.49
CA LYS B 105 7.66 -9.44 12.13
C LYS B 105 6.48 -8.47 12.06
N GLY B 106 6.57 -7.42 12.90
CA GLY B 106 5.65 -6.29 12.89
C GLY B 106 4.79 -6.15 14.13
N ARG B 107 5.09 -6.92 15.19
CA ARG B 107 4.32 -6.85 16.42
C ARG B 107 4.55 -5.53 17.18
N GLY B 108 5.66 -4.84 16.86
CA GLY B 108 5.90 -3.47 17.26
C GLY B 108 5.40 -2.40 16.29
N GLY B 109 4.81 -2.82 15.18
CA GLY B 109 4.12 -1.91 14.23
C GLY B 109 4.89 -1.42 13.00
N ALA B 110 6.09 -1.95 12.74
CA ALA B 110 7.01 -1.29 11.80
C ALA B 110 7.34 -2.10 10.55
N LEU B 111 6.52 -3.12 10.32
CA LEU B 111 6.78 -4.10 9.30
C LEU B 111 7.08 -3.53 7.93
N VAL B 112 6.42 -2.44 7.54
CA VAL B 112 6.52 -1.98 6.14
C VAL B 112 7.90 -1.38 5.85
N ARG B 113 8.29 -0.40 6.69
CA ARG B 113 9.59 0.20 6.53
C ARG B 113 10.71 -0.83 6.77
N GLU B 114 10.48 -1.72 7.74
CA GLU B 114 11.47 -2.76 8.01
C GLU B 114 11.70 -3.52 6.75
N LYS B 115 10.62 -3.86 6.05
CA LYS B 115 10.72 -4.70 4.86
C LYS B 115 11.44 -4.02 3.72
N LEU B 116 11.15 -2.76 3.52
CA LEU B 116 11.76 -2.01 2.44
C LEU B 116 13.27 -1.82 2.69
N VAL B 117 13.61 -1.40 3.92
CA VAL B 117 15.02 -1.27 4.35
C VAL B 117 15.80 -2.60 4.17
N ALA B 118 15.19 -3.70 4.59
CA ALA B 118 15.85 -5.00 4.54
C ALA B 118 16.08 -5.52 3.13
N SER B 119 15.11 -5.22 2.26
CA SER B 119 15.19 -5.62 0.87
C SER B 119 16.18 -4.76 0.14
N SER B 120 16.50 -3.60 0.72
CA SER B 120 17.48 -2.69 0.11
C SER B 120 18.90 -2.92 0.59
N SER B 121 19.15 -4.08 1.20
CA SER B 121 20.34 -4.35 2.02
C SER B 121 21.07 -5.52 1.43
N SER B 122 22.38 -5.52 1.51
CA SER B 122 23.13 -6.69 0.96
C SER B 122 23.07 -7.86 1.94
N LEU B 123 22.83 -7.56 3.20
CA LEU B 123 22.79 -8.57 4.19
C LEU B 123 21.75 -8.20 5.22
N LEU B 124 20.81 -9.09 5.49
CA LEU B 124 19.88 -8.92 6.63
C LEU B 124 20.28 -9.84 7.78
N ILE B 125 20.54 -9.25 8.93
CA ILE B 125 20.91 -9.99 10.18
C ILE B 125 19.77 -9.92 11.21
N ILE B 126 19.24 -11.09 11.52
CA ILE B 126 18.12 -11.16 12.47
C ILE B 126 18.63 -11.66 13.80
N ILE B 127 18.30 -10.93 14.84
CA ILE B 127 18.73 -11.26 16.20
C ILE B 127 17.49 -11.46 17.06
N GLY B 128 17.66 -12.31 18.06
CA GLY B 128 16.59 -12.60 18.97
C GLY B 128 17.03 -13.63 19.97
N ASP B 129 16.11 -13.97 20.88
CA ASP B 129 16.37 -14.97 21.91
C ASP B 129 15.75 -16.30 21.51
N GLU B 130 15.96 -17.31 22.33
CA GLU B 130 15.52 -18.69 22.06
C GLU B 130 14.05 -18.85 21.68
N SER B 131 13.19 -18.01 22.27
CA SER B 131 11.73 -18.15 22.13
C SER B 131 11.18 -17.82 20.74
N LYS B 132 12.02 -17.17 19.93
CA LYS B 132 11.62 -16.67 18.63
C LYS B 132 11.76 -17.73 17.57
N LEU B 133 12.62 -18.72 17.87
CA LEU B 133 12.95 -19.78 16.95
C LEU B 133 11.81 -20.78 16.92
N CYS B 134 11.19 -20.95 15.76
CA CYS B 134 9.99 -21.75 15.64
C CYS B 134 10.25 -22.91 14.77
N THR B 135 10.34 -24.10 15.35
CA THR B 135 10.77 -25.27 14.60
C THR B 135 9.61 -26.17 14.20
N ASN B 136 8.41 -25.84 14.65
CA ASN B 136 7.26 -26.65 14.27
C ASN B 136 6.23 -25.88 13.41
N GLY B 137 6.73 -25.09 12.48
CA GLY B 137 5.88 -24.36 11.55
C GLY B 137 5.70 -22.91 11.91
N LEU B 138 5.50 -22.08 10.88
CA LEU B 138 5.39 -20.62 11.08
C LEU B 138 3.97 -20.13 11.39
N GLY B 139 3.84 -19.17 12.30
CA GLY B 139 2.60 -18.39 12.39
C GLY B 139 1.63 -18.69 13.52
N MET B 140 2.05 -19.48 14.51
CA MET B 140 1.18 -19.85 15.64
C MET B 140 1.46 -19.15 16.94
N THR B 141 2.49 -18.30 17.03
CA THR B 141 2.89 -17.84 18.34
C THR B 141 2.28 -16.48 18.67
N GLY B 142 1.42 -15.97 17.77
CA GLY B 142 0.88 -14.62 17.95
C GLY B 142 0.54 -13.91 16.66
N ALA B 143 0.39 -12.60 16.74
CA ALA B 143 -0.08 -11.80 15.58
C ALA B 143 0.73 -12.06 14.33
N VAL B 144 0.05 -12.35 13.23
CA VAL B 144 0.61 -12.15 11.91
C VAL B 144 0.01 -10.89 11.27
N PRO B 145 0.76 -9.76 11.30
CA PRO B 145 0.34 -8.40 10.95
C PRO B 145 0.20 -8.17 9.48
N ILE B 146 -0.87 -7.47 9.12
CA ILE B 146 -1.14 -7.04 7.73
C ILE B 146 -1.45 -5.57 7.80
N GLU B 147 -0.59 -4.78 7.17
CA GLU B 147 -0.79 -3.35 7.16
C GLU B 147 -1.84 -2.98 6.06
N ILE B 148 -2.82 -2.18 6.47
CA ILE B 148 -3.95 -1.85 5.63
C ILE B 148 -4.38 -0.38 5.79
N LEU B 149 -5.17 0.12 4.81
CA LEU B 149 -5.63 1.49 4.84
C LEU B 149 -6.59 1.65 5.95
N THR B 150 -6.69 2.88 6.42
CA THR B 150 -7.65 3.27 7.42
C THR B 150 -9.01 3.39 6.74
N PHE B 151 -9.02 3.88 5.50
CA PHE B 151 -10.22 3.92 4.70
C PHE B 151 -10.73 2.55 4.26
N GLY B 152 -11.96 2.27 4.68
CA GLY B 152 -12.62 1.05 4.28
C GLY B 152 -11.93 -0.18 4.83
N TYR B 153 -11.29 -0.05 5.99
CA TYR B 153 -10.46 -1.16 6.53
C TYR B 153 -11.25 -2.43 6.82
N GLU B 154 -12.46 -2.26 7.35
CA GLU B 154 -13.32 -3.41 7.66
C GLU B 154 -13.60 -4.23 6.42
N LYS B 155 -13.63 -3.57 5.27
CA LYS B 155 -13.83 -4.18 3.98
C LYS B 155 -12.57 -4.85 3.40
N ILE B 156 -11.42 -4.23 3.63
CA ILE B 156 -10.17 -4.88 3.34
C ILE B 156 -10.05 -6.17 4.16
N ILE B 157 -10.42 -6.12 5.43
CA ILE B 157 -10.32 -7.36 6.24
C ILE B 157 -11.20 -8.44 5.60
N GLU B 158 -12.39 -8.05 5.17
CA GLU B 158 -13.32 -9.03 4.67
C GLU B 158 -12.75 -9.71 3.41
N ASN B 159 -12.07 -8.90 2.61
CA ASN B 159 -11.47 -9.37 1.39
C ASN B 159 -10.24 -10.25 1.70
N LEU B 160 -9.53 -9.96 2.79
CA LEU B 160 -8.45 -10.84 3.25
C LEU B 160 -8.97 -12.20 3.69
N LEU B 161 -10.20 -12.23 4.19
CA LEU B 161 -10.75 -13.49 4.68
C LEU B 161 -11.23 -14.39 3.56
N LYS B 162 -11.37 -13.82 2.37
CA LYS B 162 -11.55 -14.62 1.16
C LYS B 162 -10.33 -15.49 0.80
N ILE B 163 -9.13 -15.12 1.21
CA ILE B 163 -7.97 -15.92 0.87
C ILE B 163 -8.06 -17.29 1.56
N TYR B 164 -7.90 -18.34 0.77
CA TYR B 164 -8.22 -19.71 1.26
C TYR B 164 -7.38 -20.07 2.45
N THR B 165 -6.17 -19.55 2.55
CA THR B 165 -5.33 -19.82 3.71
C THR B 165 -5.66 -18.98 4.96
N LEU B 166 -6.50 -17.94 4.82
CA LEU B 166 -6.82 -17.05 5.96
C LEU B 166 -8.24 -17.19 6.41
N LYS B 167 -9.02 -17.93 5.63
CA LYS B 167 -10.46 -18.01 5.77
C LYS B 167 -10.89 -18.35 7.20
N GLY B 168 -10.19 -19.32 7.75
CA GLY B 168 -10.51 -19.81 9.07
C GLY B 168 -10.23 -18.81 10.16
N CYS B 169 -9.25 -17.92 9.97
CA CYS B 169 -8.57 -17.24 11.08
C CYS B 169 -9.42 -16.36 11.99
N THR B 170 -9.06 -16.42 13.25
CA THR B 170 -9.23 -15.36 14.18
C THR B 170 -8.38 -14.19 13.69
N TYR B 171 -8.90 -12.98 13.84
CA TYR B 171 -8.18 -11.78 13.51
C TYR B 171 -8.73 -10.71 14.44
N LYS B 172 -7.94 -9.65 14.65
CA LYS B 172 -8.37 -8.51 15.46
C LYS B 172 -7.63 -7.29 14.94
N ILE B 173 -8.35 -6.19 14.77
CA ILE B 173 -7.69 -4.92 14.37
C ILE B 173 -6.73 -4.57 15.48
N ARG B 174 -5.56 -3.99 15.16
CA ARG B 174 -4.61 -3.70 16.23
C ARG B 174 -4.94 -2.38 17.00
N LYS B 175 -5.06 -2.52 18.32
CA LYS B 175 -5.18 -1.41 19.28
C LYS B 175 -3.96 -1.27 20.22
N ARG B 176 -3.84 -0.07 20.80
CA ARG B 176 -2.81 0.29 21.76
C ARG B 176 -3.33 1.50 22.52
N ASN B 177 -3.31 1.43 23.87
CA ASN B 177 -3.86 2.51 24.75
C ASN B 177 -5.32 2.77 24.44
N GLY B 178 -6.07 1.70 24.22
CA GLY B 178 -7.51 1.81 23.95
C GLY B 178 -7.92 2.32 22.59
N GLU B 179 -6.96 2.59 21.70
CA GLU B 179 -7.33 3.10 20.38
C GLU B 179 -6.68 2.32 19.24
N ILE B 180 -7.29 2.37 18.07
CA ILE B 180 -6.75 1.71 16.89
C ILE B 180 -5.34 2.25 16.60
N PHE B 181 -4.35 1.37 16.67
CA PHE B 181 -2.97 1.75 16.38
C PHE B 181 -2.83 2.35 14.97
N ILE B 182 -2.10 3.45 14.91
CA ILE B 182 -1.77 4.13 13.68
C ILE B 182 -0.27 3.99 13.49
N THR B 183 0.12 3.44 12.34
CA THR B 183 1.51 3.21 11.98
C THR B 183 2.22 4.47 11.50
N ASP B 184 3.54 4.40 11.46
CA ASP B 184 4.35 5.50 10.95
C ASP B 184 3.90 5.95 9.54
N ASN B 185 3.31 5.06 8.75
CA ASN B 185 2.82 5.40 7.39
C ASN B 185 1.36 5.79 7.36
N LYS B 186 0.84 6.00 8.58
CA LYS B 186 -0.52 6.48 8.76
C LYS B 186 -1.53 5.44 8.30
N ASN B 187 -1.24 4.15 8.56
CA ASN B 187 -2.17 3.07 8.25
C ASN B 187 -2.63 2.35 9.53
N TYR B 188 -3.52 1.38 9.34
CA TYR B 188 -3.88 0.40 10.34
C TYR B 188 -3.19 -0.91 10.12
N ILE B 189 -3.20 -1.72 11.18
CA ILE B 189 -2.77 -3.12 11.11
C ILE B 189 -3.83 -4.08 11.60
N VAL B 190 -4.11 -5.09 10.77
CA VAL B 190 -4.95 -6.18 11.22
C VAL B 190 -4.00 -7.40 11.48
N ASP B 191 -4.22 -8.01 12.63
CA ASP B 191 -3.49 -9.16 13.07
C ASP B 191 -4.31 -10.41 12.87
N PHE B 192 -3.69 -11.40 12.25
CA PHE B 192 -4.25 -12.68 12.00
C PHE B 192 -3.57 -13.69 12.97
N PHE B 193 -4.38 -14.63 13.46
CA PHE B 193 -3.89 -15.64 14.40
C PHE B 193 -4.23 -17.01 13.85
N PHE B 194 -3.26 -17.91 13.92
CA PHE B 194 -3.39 -19.23 13.39
C PHE B 194 -3.21 -20.23 14.53
N THR B 195 -3.89 -21.36 14.40
CA THR B 195 -3.78 -22.46 15.36
C THR B 195 -3.01 -23.60 14.70
N GLU B 196 -2.88 -23.56 13.37
CA GLU B 196 -1.94 -24.45 12.67
C GLU B 196 -0.89 -23.59 11.99
N PRO B 197 0.18 -24.19 11.46
CA PRO B 197 1.09 -23.33 10.67
C PRO B 197 0.41 -22.76 9.43
N ILE B 198 0.77 -21.53 9.09
CA ILE B 198 0.29 -20.91 7.86
C ILE B 198 0.52 -21.83 6.65
N GLN B 199 -0.54 -22.02 5.86
CA GLN B 199 -0.46 -22.92 4.74
C GLN B 199 0.03 -22.20 3.51
N ASP B 200 0.77 -22.94 2.69
CA ASP B 200 1.19 -22.43 1.38
C ASP B 200 1.74 -21.04 1.52
N LEU B 201 2.81 -20.93 2.27
CA LEU B 201 3.30 -19.67 2.83
C LEU B 201 3.52 -18.56 1.78
N LEU B 202 4.28 -18.89 0.74
CA LEU B 202 4.48 -17.97 -0.39
C LEU B 202 3.23 -17.56 -1.14
N GLU B 203 2.31 -18.50 -1.36
CA GLU B 203 1.06 -18.14 -2.01
C GLU B 203 0.27 -17.10 -1.20
N THR B 204 0.27 -17.34 0.10
CA THR B 204 -0.41 -16.51 1.05
C THR B 204 0.20 -15.14 1.00
N CYS B 205 1.52 -15.09 1.05
CA CYS B 205 2.23 -13.81 0.91
C CYS B 205 1.73 -12.95 -0.26
N THR B 206 1.69 -13.60 -1.41
CA THR B 206 1.36 -13.03 -2.69
C THR B 206 -0.08 -12.56 -2.76
N ARG B 207 -0.98 -13.33 -2.17
CA ARG B 207 -2.40 -13.04 -2.24
C ARG B 207 -2.74 -11.91 -1.30
N ILE B 208 -2.02 -11.82 -0.17
CA ILE B 208 -2.19 -10.69 0.71
C ILE B 208 -1.74 -9.42 0.00
N LYS B 209 -0.47 -9.42 -0.45
CA LYS B 209 0.14 -8.30 -1.14
C LYS B 209 -0.66 -7.76 -2.32
N MET B 210 -1.37 -8.65 -3.01
CA MET B 210 -2.15 -8.30 -4.19
C MET B 210 -3.50 -7.77 -3.84
N THR B 211 -3.85 -7.88 -2.56
CA THR B 211 -5.11 -7.35 -2.08
C THR B 211 -5.21 -5.78 -2.10
N THR B 212 -6.28 -5.31 -2.75
CA THR B 212 -6.54 -3.91 -2.84
C THR B 212 -6.76 -3.41 -1.40
N GLY B 213 -5.99 -2.39 -1.01
CA GLY B 213 -6.02 -1.81 0.34
C GLY B 213 -4.95 -2.36 1.30
N VAL B 214 -4.22 -3.40 0.87
CA VAL B 214 -3.12 -3.89 1.65
C VAL B 214 -1.85 -3.17 1.23
N VAL B 215 -1.11 -2.67 2.22
CA VAL B 215 0.17 -2.02 1.99
C VAL B 215 1.30 -3.05 2.01
N ASP B 216 1.44 -3.77 3.10
CA ASP B 216 2.31 -4.94 3.13
C ASP B 216 1.94 -5.75 4.36
N HIS B 217 2.69 -6.83 4.56
CA HIS B 217 2.41 -7.82 5.58
C HIS B 217 3.73 -8.18 6.21
N GLY B 218 3.66 -8.86 7.36
CA GLY B 218 4.86 -9.18 8.16
C GLY B 218 5.48 -10.53 7.93
N ILE B 219 5.14 -11.20 6.85
CA ILE B 219 5.82 -12.41 6.51
C ILE B 219 7.02 -12.08 5.60
N PHE B 220 8.22 -12.41 6.09
CA PHE B 220 9.47 -12.13 5.39
C PHE B 220 10.08 -13.47 4.96
N VAL B 221 9.97 -13.75 3.66
CA VAL B 221 10.42 -15.01 3.05
C VAL B 221 11.67 -14.79 2.22
N ASN B 222 12.62 -15.73 2.37
CA ASN B 222 13.90 -15.70 1.64
C ASN B 222 14.62 -14.36 1.67
N MET B 223 14.58 -13.67 2.81
CA MET B 223 15.27 -12.37 2.97
C MET B 223 16.38 -12.31 4.03
N THR B 224 16.40 -13.29 4.93
CA THR B 224 17.38 -13.31 6.01
C THR B 224 18.60 -14.08 5.58
N ASN B 225 19.79 -13.51 5.81
CA ASN B 225 21.06 -14.15 5.46
C ASN B 225 21.72 -14.84 6.65
N VAL B 226 21.62 -14.16 7.81
CA VAL B 226 22.15 -14.54 9.09
C VAL B 226 21.13 -14.25 10.21
N ALA B 227 20.95 -15.21 11.11
CA ALA B 227 20.29 -14.99 12.41
C ALA B 227 21.23 -15.32 13.59
N LEU B 228 21.20 -14.50 14.61
CA LEU B 228 21.82 -14.79 15.88
C LEU B 228 20.76 -15.03 16.96
N ILE B 229 20.77 -16.25 17.48
CA ILE B 229 19.83 -16.71 18.50
C ILE B 229 20.52 -16.92 19.86
N SER B 230 20.29 -16.03 20.82
CA SER B 230 20.82 -16.18 22.17
C SER B 230 20.11 -17.31 22.94
N LYS B 231 20.90 -18.21 23.51
CA LYS B 231 20.41 -19.37 24.25
C LYS B 231 20.38 -19.11 25.77
N HIS B 232 19.58 -19.87 26.50
CA HIS B 232 19.51 -19.73 27.96
C HIS B 232 20.83 -20.05 28.64
N ASP B 233 21.53 -21.07 28.15
CA ASP B 233 22.91 -21.37 28.58
C ASP B 233 23.96 -20.29 28.29
N GLY B 234 23.49 -19.12 27.82
CA GLY B 234 24.37 -18.00 27.51
C GLY B 234 25.07 -18.00 26.15
N THR B 235 25.18 -19.15 25.50
CA THR B 235 25.77 -19.19 24.16
C THR B 235 24.83 -18.60 23.08
N VAL B 236 25.41 -18.39 21.90
CA VAL B 236 24.68 -17.87 20.75
C VAL B 236 24.87 -18.87 19.64
N LEU B 237 23.73 -19.26 19.09
CA LEU B 237 23.69 -20.00 17.84
C LEU B 237 23.60 -19.02 16.68
N THR B 238 24.53 -19.18 15.76
CA THR B 238 24.53 -18.44 14.52
C THR B 238 24.04 -19.32 13.37
N LEU B 239 23.02 -18.80 12.67
CA LEU B 239 22.48 -19.45 11.49
C LEU B 239 22.79 -18.63 10.26
N ASN B 240 23.17 -19.30 9.19
CA ASN B 240 23.68 -18.65 8.03
C ASN B 240 23.13 -19.37 6.81
N LYS B 241 22.35 -18.65 6.02
CA LYS B 241 21.79 -19.22 4.81
C LYS B 241 22.58 -18.66 3.62
N LYS B 242 23.31 -19.53 2.93
CA LYS B 242 23.79 -19.21 1.58
C LYS B 242 22.76 -19.79 0.60
N TYR B 243 21.97 -18.88 0.02
CA TYR B 243 20.78 -19.25 -0.74
C TYR B 243 19.86 -18.04 -0.99
P PO4 C . -12.36 14.04 -14.98
O1 PO4 C . -12.44 15.44 -14.42
O2 PO4 C . -13.69 13.30 -15.11
O3 PO4 C . -11.69 14.12 -16.34
O4 PO4 C . -11.53 13.28 -13.97
P PO4 D . 11.86 -7.69 19.92
O1 PO4 D . 11.62 -6.56 20.93
O2 PO4 D . 13.34 -7.97 19.70
O3 PO4 D . 11.16 -8.94 20.43
O4 PO4 D . 11.26 -7.28 18.57
#